data_4PFM
#
_entry.id   4PFM
#
_cell.length_a   74.273
_cell.length_b   83.929
_cell.length_c   143.868
_cell.angle_alpha   90.00
_cell.angle_beta   90.00
_cell.angle_gamma   90.00
#
_symmetry.space_group_name_H-M   'P 21 21 21'
#
loop_
_entity.id
_entity.type
_entity.pdbx_description
1 polymer '4-hydroxy-tetrahydrodipicolinate synthase'
2 non-polymer LYSINE
3 non-polymer GLYCEROL
4 non-polymer 'SODIUM ION'
5 non-polymer 'CITRATE ANION'
6 water water
#
_entity_poly.entity_id   1
_entity_poly.type   'polypeptide(L)'
_entity_poly.pdbx_seq_one_letter_code
;HMINGSIVALITPLNSDGTVDYTSLEKLVEYHITEGTDAIVAVGTTGESATLPISEHIAVVGQTVKFASGRIPVIGGNGA
NATAEAIELTKAQNKLGVAAMLGVTPYYNKPSPKGLIAHYTAVAASTDIPQILYNVPGRTAVDMLPETIAQLVEVPNIIG
V(KPI)DATGDVARVKQLRDLCGNDFLLYSGDDATAREFLTLGGDGVISVANNIVPKLFKLMCDAALAGDTQAAMAAEDQ
IKGLFSALFCEANPIPVKWAAHKMGLISQGDIRLPLTELSTEFHGLLLDAMKNARIEVK
;
_entity_poly.pdbx_strand_id   A,B
#
# COMPACT_ATOMS: atom_id res chain seq x y z
N HIS A 1 15.81 13.20 -21.19
CA HIS A 1 16.86 12.15 -21.33
C HIS A 1 16.73 11.36 -22.67
N MET A 2 17.64 10.41 -22.89
CA MET A 2 17.45 9.39 -23.93
C MET A 2 17.32 7.94 -23.36
N ILE A 3 16.52 7.75 -22.28
CA ILE A 3 16.13 6.38 -21.83
C ILE A 3 14.74 6.04 -22.41
N ASN A 4 14.70 5.09 -23.31
CA ASN A 4 13.43 4.79 -23.92
C ASN A 4 13.31 3.43 -24.63
N GLY A 5 12.20 3.17 -25.30
CA GLY A 5 12.01 1.86 -25.87
C GLY A 5 11.58 0.77 -24.86
N SER A 6 12.26 -0.36 -24.88
CA SER A 6 11.91 -1.56 -24.08
C SER A 6 12.72 -1.61 -22.74
N ILE A 7 12.03 -1.42 -21.63
CA ILE A 7 12.67 -1.42 -20.34
C ILE A 7 12.08 -2.56 -19.48
N VAL A 8 12.94 -3.43 -18.94
CA VAL A 8 12.50 -4.60 -18.14
C VAL A 8 12.41 -4.18 -16.67
N ALA A 9 11.28 -4.48 -16.02
CA ALA A 9 11.15 -4.26 -14.58
C ALA A 9 11.64 -5.59 -14.04
N LEU A 10 12.90 -5.66 -13.67
CA LEU A 10 13.52 -6.93 -13.42
C LEU A 10 13.00 -7.62 -12.14
N ILE A 11 12.64 -8.91 -12.25
CA ILE A 11 12.53 -9.76 -11.05
C ILE A 11 13.80 -9.78 -10.16
N THR A 12 13.65 -10.01 -8.85
CA THR A 12 14.76 -10.24 -7.99
C THR A 12 14.85 -11.73 -7.68
N PRO A 13 15.82 -12.43 -8.25
CA PRO A 13 15.82 -13.86 -7.98
C PRO A 13 16.30 -14.18 -6.58
N LEU A 14 15.70 -15.22 -5.98
CA LEU A 14 16.05 -15.61 -4.62
C LEU A 14 16.62 -17.02 -4.57
N ASN A 15 17.40 -17.30 -3.54
CA ASN A 15 17.86 -18.65 -3.24
C ASN A 15 16.79 -19.45 -2.49
N SER A 16 17.07 -20.73 -2.22
CA SER A 16 16.20 -21.57 -1.40
C SER A 16 15.89 -21.08 0.00
N ASP A 17 16.84 -20.46 0.67
CA ASP A 17 16.58 -19.81 1.97
C ASP A 17 15.97 -18.38 1.88
N GLY A 18 15.61 -17.94 0.67
CA GLY A 18 14.97 -16.63 0.54
C GLY A 18 15.95 -15.45 0.46
N THR A 19 17.25 -15.71 0.55
CA THR A 19 18.21 -14.64 0.35
C THR A 19 18.33 -14.35 -1.16
N VAL A 20 18.84 -13.18 -1.48
CA VAL A 20 19.04 -12.81 -2.88
C VAL A 20 20.10 -13.72 -3.56
N ASP A 21 19.73 -14.23 -4.72
CA ASP A 21 20.58 -15.09 -5.54
C ASP A 21 21.32 -14.17 -6.50
N TYR A 22 22.48 -13.70 -6.08
CA TYR A 22 23.28 -12.80 -6.92
C TYR A 22 23.83 -13.41 -8.20
N THR A 23 24.03 -14.72 -8.20
CA THR A 23 24.50 -15.43 -9.40
C THR A 23 23.44 -15.35 -10.46
N SER A 24 22.18 -15.58 -10.10
CA SER A 24 21.10 -15.48 -11.10
C SER A 24 20.89 -14.04 -11.53
N LEU A 25 21.10 -13.09 -10.63
CA LEU A 25 20.82 -11.70 -10.94
C LEU A 25 21.83 -11.28 -12.00
N GLU A 26 23.07 -11.76 -11.85
CA GLU A 26 24.10 -11.48 -12.85
C GLU A 26 23.72 -12.12 -14.17
N LYS A 27 23.23 -13.35 -14.12
CA LYS A 27 22.86 -13.99 -15.37
C LYS A 27 21.68 -13.22 -16.06
N LEU A 28 20.71 -12.75 -15.27
CA LEU A 28 19.61 -11.90 -15.82
C LEU A 28 20.14 -10.62 -16.50
N VAL A 29 21.10 -9.99 -15.87
CA VAL A 29 21.71 -8.81 -16.49
C VAL A 29 22.36 -9.11 -17.83
N GLU A 30 23.19 -10.17 -17.90
CA GLU A 30 23.85 -10.57 -19.18
C GLU A 30 22.81 -10.89 -20.23
N TYR A 31 21.77 -11.59 -19.80
CA TYR A 31 20.68 -11.98 -20.67
C TYR A 31 20.08 -10.74 -21.31
N HIS A 32 19.74 -9.74 -20.52
CA HIS A 32 19.19 -8.51 -21.10
C HIS A 32 20.13 -7.76 -22.00
N ILE A 33 21.40 -7.71 -21.66
CA ILE A 33 22.37 -7.08 -22.54
C ILE A 33 22.39 -7.79 -23.94
N THR A 34 22.43 -9.13 -23.91
CA THR A 34 22.53 -9.93 -25.10
C THR A 34 21.24 -9.78 -25.88
N GLU A 35 20.09 -9.64 -25.21
CA GLU A 35 18.83 -9.73 -25.97
C GLU A 35 18.47 -8.39 -26.48
N GLY A 36 19.22 -7.36 -26.10
CA GLY A 36 18.91 -5.99 -26.61
C GLY A 36 17.98 -5.09 -25.82
N THR A 37 17.65 -5.47 -24.58
CA THR A 37 16.77 -4.63 -23.76
C THR A 37 17.42 -3.24 -23.60
N ASP A 38 16.64 -2.16 -23.60
CA ASP A 38 17.18 -0.82 -23.52
C ASP A 38 17.65 -0.39 -22.13
N ALA A 39 16.97 -0.88 -21.09
CA ALA A 39 17.28 -0.51 -19.71
C ALA A 39 16.70 -1.53 -18.71
N ILE A 40 17.25 -1.53 -17.51
CA ILE A 40 16.79 -2.42 -16.46
C ILE A 40 16.32 -1.58 -15.29
N VAL A 41 15.08 -1.80 -14.81
CA VAL A 41 14.62 -1.26 -13.53
C VAL A 41 14.86 -2.26 -12.43
N ALA A 42 15.69 -1.92 -11.47
CA ALA A 42 15.93 -2.79 -10.32
C ALA A 42 15.08 -2.43 -9.07
N VAL A 43 14.43 -3.44 -8.48
CA VAL A 43 13.59 -3.27 -7.32
C VAL A 43 12.42 -2.25 -7.58
N GLY A 44 11.67 -2.51 -8.66
CA GLY A 44 10.30 -2.02 -8.79
C GLY A 44 9.34 -3.04 -8.18
N THR A 45 8.07 -2.88 -8.45
CA THR A 45 7.04 -3.81 -8.00
C THR A 45 7.39 -5.20 -8.47
N THR A 46 7.74 -5.38 -9.74
CA THR A 46 8.11 -6.66 -10.28
C THR A 46 9.32 -7.23 -9.51
N GLY A 47 10.22 -6.35 -9.05
CA GLY A 47 11.34 -6.76 -8.21
C GLY A 47 11.05 -6.90 -6.72
N GLU A 48 9.76 -6.93 -6.33
CA GLU A 48 9.39 -7.25 -4.94
C GLU A 48 9.98 -6.23 -3.93
N SER A 49 9.99 -4.95 -4.32
CA SER A 49 10.44 -3.91 -3.41
C SER A 49 9.87 -4.06 -2.02
N ALA A 50 8.56 -4.32 -1.91
CA ALA A 50 7.96 -4.43 -0.59
C ALA A 50 8.63 -5.40 0.40
N THR A 51 9.20 -6.51 -0.11
CA THR A 51 9.73 -7.47 0.85
C THR A 51 11.24 -7.45 0.97
N LEU A 52 11.87 -6.42 0.41
CA LEU A 52 13.32 -6.20 0.58
C LEU A 52 13.47 -5.08 1.58
N PRO A 53 14.04 -5.38 2.74
CA PRO A 53 14.33 -4.22 3.66
C PRO A 53 15.33 -3.30 2.99
N ILE A 54 15.41 -2.06 3.47
CA ILE A 54 16.27 -1.09 2.82
C ILE A 54 17.67 -1.61 2.46
N SER A 55 18.37 -2.25 3.39
CA SER A 55 19.75 -2.66 3.11
C SER A 55 19.80 -3.65 1.95
N GLU A 56 18.89 -4.60 1.91
CA GLU A 56 18.88 -5.52 0.77
C GLU A 56 18.43 -4.85 -0.54
N HIS A 57 17.48 -3.92 -0.42
CA HIS A 57 16.93 -3.23 -1.56
C HIS A 57 18.10 -2.52 -2.21
N ILE A 58 18.85 -1.75 -1.45
CA ILE A 58 19.90 -1.01 -2.12
C ILE A 58 21.11 -1.91 -2.52
N ALA A 59 21.33 -3.00 -1.83
CA ALA A 59 22.35 -3.95 -2.27
C ALA A 59 22.06 -4.51 -3.66
N VAL A 60 20.80 -4.86 -3.91
CA VAL A 60 20.28 -5.28 -5.24
C VAL A 60 20.46 -4.21 -6.33
N VAL A 61 20.04 -2.97 -6.05
CA VAL A 61 20.23 -1.95 -7.03
C VAL A 61 21.73 -1.81 -7.34
N GLY A 62 22.54 -1.77 -6.28
CA GLY A 62 23.98 -1.57 -6.39
C GLY A 62 24.69 -2.66 -7.15
N GLN A 63 24.35 -3.92 -6.87
CA GLN A 63 24.93 -5.05 -7.61
C GLN A 63 24.45 -5.12 -9.05
N THR A 64 23.22 -4.67 -9.28
CA THR A 64 22.69 -4.65 -10.64
C THR A 64 23.53 -3.68 -11.47
N VAL A 65 23.81 -2.53 -10.90
CA VAL A 65 24.70 -1.61 -11.57
C VAL A 65 26.07 -2.21 -11.88
N LYS A 66 26.62 -2.84 -10.88
CA LYS A 66 27.93 -3.42 -11.00
C LYS A 66 27.94 -4.50 -12.09
N PHE A 67 26.94 -5.38 -12.11
CA PHE A 67 26.87 -6.37 -13.19
C PHE A 67 26.72 -5.72 -14.56
N ALA A 68 25.98 -4.62 -14.65
CA ALA A 68 25.79 -3.96 -15.92
C ALA A 68 27.16 -3.41 -16.49
N SER A 69 28.09 -3.00 -15.62
CA SER A 69 29.40 -2.56 -16.03
C SER A 69 29.37 -1.65 -17.24
N GLY A 70 28.54 -0.61 -17.22
CA GLY A 70 28.44 0.36 -18.33
C GLY A 70 27.70 -0.11 -19.58
N ARG A 71 27.23 -1.37 -19.62
CA ARG A 71 26.63 -1.85 -20.88
C ARG A 71 25.16 -1.62 -21.11
N ILE A 72 24.44 -1.25 -20.03
CA ILE A 72 22.98 -1.01 -20.09
C ILE A 72 22.62 -0.13 -18.90
N PRO A 73 21.80 0.91 -19.13
CA PRO A 73 21.38 1.74 -17.99
C PRO A 73 20.56 0.95 -16.94
N VAL A 74 20.82 1.22 -15.65
CA VAL A 74 20.07 0.63 -14.60
C VAL A 74 19.33 1.76 -13.90
N ILE A 75 18.02 1.58 -13.67
CA ILE A 75 17.20 2.61 -13.01
C ILE A 75 16.79 2.03 -11.67
N GLY A 76 17.10 2.75 -10.56
CA GLY A 76 16.88 2.22 -9.20
C GLY A 76 15.46 2.46 -8.73
N GLY A 77 14.79 1.45 -8.15
CA GLY A 77 13.40 1.66 -7.60
C GLY A 77 13.57 2.57 -6.36
N ASN A 78 12.86 3.69 -6.28
CA ASN A 78 12.96 4.41 -5.03
C ASN A 78 11.63 4.87 -4.39
N GLY A 79 10.52 4.17 -4.64
CA GLY A 79 9.25 4.68 -4.05
C GLY A 79 9.05 4.26 -2.61
N ALA A 80 8.30 5.03 -1.88
CA ALA A 80 7.90 4.74 -0.50
C ALA A 80 6.59 5.47 -0.28
N ASN A 81 5.82 5.06 0.70
CA ASN A 81 4.62 5.78 1.08
C ASN A 81 4.80 6.72 2.27
N ALA A 82 6.03 6.83 2.77
CA ALA A 82 6.49 7.90 3.70
C ALA A 82 7.54 8.71 2.99
N THR A 83 7.30 10.03 2.92
CA THR A 83 8.20 10.90 2.13
C THR A 83 9.61 10.70 2.69
N ALA A 84 9.73 10.64 4.02
CA ALA A 84 11.08 10.44 4.58
C ALA A 84 11.79 9.14 4.15
N GLU A 85 11.01 8.07 3.94
CA GLU A 85 11.61 6.78 3.58
C GLU A 85 12.06 6.89 2.17
N ALA A 86 11.32 7.63 1.36
CA ALA A 86 11.70 7.82 -0.05
C ALA A 86 12.99 8.67 -0.22
N ILE A 87 13.17 9.67 0.64
CA ILE A 87 14.39 10.46 0.61
C ILE A 87 15.54 9.55 1.02
N GLU A 88 15.32 8.68 1.98
CA GLU A 88 16.39 7.86 2.54
C GLU A 88 16.90 6.88 1.42
N LEU A 89 15.98 6.31 0.63
CA LEU A 89 16.30 5.36 -0.45
C LEU A 89 17.01 6.07 -1.61
N THR A 90 16.55 7.31 -1.87
CA THR A 90 17.17 8.15 -2.83
C THR A 90 18.66 8.45 -2.45
N LYS A 91 18.87 8.99 -1.24
CA LYS A 91 20.17 9.35 -0.75
C LYS A 91 21.10 8.15 -0.79
N ALA A 92 20.58 6.96 -0.44
CA ALA A 92 21.36 5.73 -0.43
C ALA A 92 21.73 5.28 -1.84
N GLN A 93 21.01 5.75 -2.85
CA GLN A 93 21.31 5.38 -4.21
C GLN A 93 22.13 6.47 -4.94
N ASN A 94 22.33 7.64 -4.30
CA ASN A 94 23.09 8.72 -4.93
C ASN A 94 24.50 8.36 -5.43
N LYS A 95 25.11 7.40 -4.77
CA LYS A 95 26.46 7.09 -5.09
C LYS A 95 26.54 5.81 -5.92
N LEU A 96 25.41 5.37 -6.49
CA LEU A 96 25.43 4.00 -7.01
C LEU A 96 25.81 3.83 -8.47
N GLY A 97 25.53 4.83 -9.30
CA GLY A 97 25.83 4.60 -10.73
C GLY A 97 24.60 4.35 -11.58
N VAL A 98 23.50 4.65 -11.01
CA VAL A 98 22.22 4.47 -11.55
C VAL A 98 21.90 5.58 -12.54
N ALA A 99 21.34 5.21 -13.69
CA ALA A 99 20.94 6.19 -14.68
C ALA A 99 19.78 7.08 -14.26
N ALA A 100 18.93 6.56 -13.38
CA ALA A 100 17.73 7.27 -12.97
C ALA A 100 17.09 6.48 -11.83
N MET A 101 16.00 7.03 -11.28
CA MET A 101 15.23 6.37 -10.22
C MET A 101 13.73 6.33 -10.58
N LEU A 102 13.04 5.26 -10.17
CA LEU A 102 11.64 5.09 -10.46
C LEU A 102 10.91 5.00 -9.14
N GLY A 103 9.95 5.86 -8.93
CA GLY A 103 9.29 5.93 -7.65
C GLY A 103 7.78 5.90 -7.70
N VAL A 104 7.21 4.79 -7.26
CA VAL A 104 5.75 4.65 -7.20
C VAL A 104 5.18 5.77 -6.29
N THR A 105 4.02 6.32 -6.60
CA THR A 105 3.30 7.13 -5.64
C THR A 105 3.07 6.37 -4.34
N PRO A 106 3.06 7.06 -3.18
CA PRO A 106 2.61 6.48 -1.96
C PRO A 106 1.37 5.61 -2.04
N TYR A 107 1.47 4.37 -1.51
CA TYR A 107 0.40 3.43 -1.51
C TYR A 107 -0.24 3.37 -0.16
N TYR A 108 -1.49 2.95 -0.13
CA TYR A 108 -2.18 2.60 1.13
C TYR A 108 -2.65 3.79 1.97
N ASN A 109 -1.81 4.84 2.13
CA ASN A 109 -2.23 6.00 2.95
C ASN A 109 -2.95 7.13 2.17
N LYS A 110 -3.07 7.00 0.85
CA LYS A 110 -3.98 7.89 0.07
C LYS A 110 -3.74 9.45 0.21
N PRO A 111 -2.54 9.94 -0.14
CA PRO A 111 -2.33 11.38 -0.04
C PRO A 111 -3.17 12.19 -1.06
N SER A 112 -3.48 13.44 -0.71
CA SER A 112 -4.13 14.33 -1.70
C SER A 112 -3.21 14.77 -2.81
N PRO A 113 -3.77 15.34 -3.90
CA PRO A 113 -2.87 15.77 -4.97
C PRO A 113 -1.74 16.68 -4.47
N LYS A 114 -2.04 17.67 -3.63
CA LYS A 114 -0.91 18.50 -3.10
C LYS A 114 0.12 17.72 -2.29
N GLY A 115 -0.32 16.64 -1.66
CA GLY A 115 0.63 15.80 -0.94
C GLY A 115 1.52 15.06 -1.92
N LEU A 116 0.98 14.63 -3.06
CA LEU A 116 1.81 13.93 -4.06
C LEU A 116 2.86 14.90 -4.57
N ILE A 117 2.40 16.11 -4.92
CA ILE A 117 3.31 17.16 -5.39
C ILE A 117 4.40 17.40 -4.38
N ALA A 118 4.02 17.60 -3.12
CA ALA A 118 5.04 17.90 -2.10
C ALA A 118 5.97 16.70 -1.87
N HIS A 119 5.40 15.50 -1.89
CA HIS A 119 6.19 14.26 -1.75
C HIS A 119 7.25 14.20 -2.83
N TYR A 120 6.90 14.37 -4.07
CA TYR A 120 7.93 14.15 -5.12
C TYR A 120 8.91 15.34 -5.22
N THR A 121 8.47 16.53 -4.83
CA THR A 121 9.35 17.69 -4.83
C THR A 121 10.45 17.48 -3.82
N ALA A 122 10.04 17.05 -2.63
CA ALA A 122 11.00 16.72 -1.58
C ALA A 122 11.99 15.64 -2.01
N VAL A 123 11.54 14.66 -2.80
CA VAL A 123 12.42 13.54 -3.16
C VAL A 123 13.36 14.00 -4.26
N ALA A 124 12.81 14.68 -5.24
CA ALA A 124 13.64 15.31 -6.28
C ALA A 124 14.67 16.26 -5.68
N ALA A 125 14.31 17.02 -4.63
CA ALA A 125 15.29 17.98 -4.06
C ALA A 125 16.47 17.27 -3.45
N SER A 126 16.33 16.00 -3.12
CA SER A 126 17.42 15.28 -2.42
C SER A 126 18.52 14.66 -3.35
N THR A 127 18.47 14.96 -4.65
CA THR A 127 19.44 14.30 -5.55
C THR A 127 19.57 15.10 -6.86
N ASP A 128 20.57 14.79 -7.69
CA ASP A 128 20.46 15.24 -9.10
C ASP A 128 20.27 14.11 -10.15
N ILE A 129 20.07 12.89 -9.68
CA ILE A 129 19.68 11.81 -10.56
C ILE A 129 18.27 12.09 -11.09
N PRO A 130 18.02 11.87 -12.37
CA PRO A 130 16.64 11.93 -12.88
C PRO A 130 15.60 11.00 -12.14
N GLN A 131 14.39 11.45 -12.04
CA GLN A 131 13.38 10.75 -11.32
C GLN A 131 12.26 10.50 -12.32
N ILE A 132 11.70 9.31 -12.25
CA ILE A 132 10.56 8.94 -13.06
C ILE A 132 9.43 8.63 -12.09
N LEU A 133 8.30 9.29 -12.29
CA LEU A 133 7.12 9.07 -11.47
C LEU A 133 6.42 7.77 -11.93
N TYR A 134 5.59 7.19 -11.05
CA TYR A 134 4.96 5.88 -11.29
C TYR A 134 3.57 5.85 -10.66
N ASN A 135 2.58 5.92 -11.55
CA ASN A 135 1.16 5.84 -11.17
C ASN A 135 0.62 4.39 -11.40
N VAL A 136 0.13 3.76 -10.33
CA VAL A 136 -0.53 2.42 -10.48
C VAL A 136 -1.67 2.31 -9.46
N PRO A 137 -2.81 2.99 -9.70
CA PRO A 137 -3.86 3.05 -8.64
C PRO A 137 -4.49 1.70 -8.33
N GLY A 138 -4.37 0.78 -9.27
CA GLY A 138 -4.78 -0.59 -9.08
C GLY A 138 -4.01 -1.25 -7.96
N ARG A 139 -2.82 -0.73 -7.57
CA ARG A 139 -2.13 -1.25 -6.37
C ARG A 139 -2.04 -0.27 -5.24
N THR A 140 -2.07 1.03 -5.53
CA THR A 140 -1.74 2.00 -4.47
C THR A 140 -2.97 2.60 -3.89
N ALA A 141 -4.09 2.48 -4.60
CA ALA A 141 -5.32 3.16 -4.17
C ALA A 141 -5.31 4.71 -4.33
N VAL A 142 -4.35 5.29 -5.09
CA VAL A 142 -4.46 6.70 -5.56
C VAL A 142 -4.19 6.80 -7.02
N ASP A 143 -5.05 7.53 -7.72
CA ASP A 143 -4.82 7.78 -9.13
C ASP A 143 -4.20 9.21 -9.23
N MET A 144 -2.90 9.24 -9.51
CA MET A 144 -2.20 10.52 -9.81
C MET A 144 -2.45 10.90 -11.26
N LEU A 145 -3.35 11.83 -11.40
CA LEU A 145 -3.82 12.19 -12.74
C LEU A 145 -2.86 13.17 -13.49
N PRO A 146 -3.02 13.24 -14.82
CA PRO A 146 -2.21 14.13 -15.66
C PRO A 146 -2.13 15.58 -15.15
N GLU A 147 -3.23 16.12 -14.62
N GLU A 147 -3.24 16.16 -14.65
CA GLU A 147 -3.21 17.49 -14.14
CA GLU A 147 -3.18 17.51 -14.07
C GLU A 147 -2.45 17.67 -12.80
C GLU A 147 -2.08 17.57 -13.05
N THR A 148 -2.05 16.55 -12.18
CA THR A 148 -1.10 16.57 -11.05
C THR A 148 0.33 16.35 -11.54
N ILE A 149 0.51 15.44 -12.50
CA ILE A 149 1.84 15.15 -12.99
C ILE A 149 2.44 16.44 -13.61
N ALA A 150 1.56 17.17 -14.32
CA ALA A 150 1.83 18.47 -14.94
C ALA A 150 2.52 19.47 -14.04
N GLN A 151 2.07 19.57 -12.80
N GLN A 151 2.08 19.61 -12.78
CA GLN A 151 2.62 20.52 -11.84
CA GLN A 151 2.71 20.58 -11.83
C GLN A 151 4.01 20.11 -11.33
C GLN A 151 4.15 20.24 -11.51
N LEU A 152 4.59 19.07 -11.97
CA LEU A 152 5.86 18.55 -11.53
C LEU A 152 6.90 18.53 -12.65
N VAL A 153 6.43 18.63 -13.89
CA VAL A 153 7.29 18.73 -15.06
C VAL A 153 8.38 19.82 -14.93
N GLU A 154 8.07 20.92 -14.24
CA GLU A 154 9.03 22.00 -13.99
C GLU A 154 10.22 21.62 -13.13
N VAL A 155 10.08 20.66 -12.22
CA VAL A 155 11.26 20.15 -11.51
C VAL A 155 12.30 19.60 -12.52
N PRO A 156 13.54 20.12 -12.44
CA PRO A 156 14.40 19.89 -13.60
C PRO A 156 14.86 18.44 -13.67
N ASN A 157 14.98 17.79 -12.50
CA ASN A 157 15.28 16.34 -12.53
C ASN A 157 14.04 15.38 -12.40
N ILE A 158 12.83 15.90 -12.47
CA ILE A 158 11.73 15.02 -12.76
C ILE A 158 11.52 14.88 -14.26
N ILE A 159 11.91 13.75 -14.84
CA ILE A 159 11.95 13.65 -16.30
C ILE A 159 10.86 12.87 -17.02
N GLY A 160 9.92 12.33 -16.28
CA GLY A 160 8.98 11.40 -16.95
C GLY A 160 8.08 10.61 -16.02
N VAL A 161 7.16 9.82 -16.58
CA VAL A 161 6.21 9.07 -15.78
C VAL A 161 5.83 7.76 -16.44
N ASP A 163 2.99 5.19 -16.46
CA ASP A 163 1.54 5.09 -16.06
C ASP A 163 1.05 3.70 -16.36
N ALA A 164 0.51 3.04 -15.34
CA ALA A 164 0.09 1.65 -15.44
C ALA A 164 -1.43 1.46 -15.50
N THR A 165 -2.19 2.52 -15.69
CA THR A 165 -3.65 2.42 -15.67
C THR A 165 -4.25 1.68 -16.89
N GLY A 166 -3.48 1.44 -17.95
CA GLY A 166 -4.02 0.98 -19.23
C GLY A 166 -4.95 1.97 -19.96
N ASP A 167 -5.06 3.22 -19.49
CA ASP A 167 -5.90 4.21 -20.15
C ASP A 167 -5.08 5.01 -21.20
N VAL A 168 -5.10 4.53 -22.44
CA VAL A 168 -4.24 5.07 -23.47
C VAL A 168 -4.57 6.54 -23.87
N ALA A 169 -5.80 6.98 -23.62
CA ALA A 169 -6.16 8.39 -23.81
C ALA A 169 -5.28 9.28 -22.93
N ARG A 170 -4.55 8.70 -22.01
CA ARG A 170 -3.75 9.58 -21.16
C ARG A 170 -2.49 10.02 -21.85
N VAL A 171 -2.13 9.36 -22.94
CA VAL A 171 -0.96 9.79 -23.68
C VAL A 171 -1.09 11.20 -24.24
N LYS A 172 -2.23 11.48 -24.87
CA LYS A 172 -2.54 12.76 -25.42
C LYS A 172 -2.75 13.75 -24.26
N GLN A 173 -3.47 13.38 -23.21
CA GLN A 173 -3.64 14.37 -22.13
C GLN A 173 -2.30 14.76 -21.54
N LEU A 174 -1.40 13.78 -21.40
CA LEU A 174 -0.09 14.05 -20.79
C LEU A 174 0.82 14.86 -21.72
N ARG A 175 0.77 14.57 -23.01
CA ARG A 175 1.56 15.28 -24.01
C ARG A 175 1.14 16.76 -24.03
N ASP A 176 -0.17 17.04 -24.02
CA ASP A 176 -0.68 18.40 -24.07
C ASP A 176 -0.31 19.23 -22.84
N LEU A 177 -0.32 18.62 -21.65
CA LEU A 177 -0.02 19.33 -20.41
C LEU A 177 1.45 19.31 -20.01
N CYS A 178 2.25 18.38 -20.55
CA CYS A 178 3.65 18.22 -20.11
C CYS A 178 4.73 18.57 -21.16
N GLY A 179 4.35 18.63 -22.43
CA GLY A 179 5.31 18.99 -23.46
C GLY A 179 5.88 17.77 -24.11
N ASN A 180 6.76 17.97 -25.10
CA ASN A 180 7.17 16.88 -25.97
C ASN A 180 8.33 16.13 -25.42
N ASP A 181 8.96 16.74 -24.42
CA ASP A 181 10.22 16.27 -23.85
C ASP A 181 10.04 15.46 -22.56
N PHE A 182 8.85 15.52 -21.98
CA PHE A 182 8.59 14.78 -20.77
C PHE A 182 8.43 13.31 -21.16
N LEU A 183 9.19 12.41 -20.56
CA LEU A 183 9.17 11.03 -21.02
C LEU A 183 7.94 10.27 -20.53
N LEU A 184 7.24 9.57 -21.42
CA LEU A 184 6.02 8.86 -21.06
C LEU A 184 6.23 7.36 -21.26
N TYR A 185 6.20 6.58 -20.17
CA TYR A 185 6.36 5.11 -20.27
C TYR A 185 5.06 4.42 -19.89
N SER A 186 4.74 3.45 -20.72
CA SER A 186 3.63 2.54 -20.38
C SER A 186 4.12 1.56 -19.29
N GLY A 187 3.30 1.39 -18.28
CA GLY A 187 3.49 0.27 -17.35
C GLY A 187 2.43 -0.82 -17.49
N ASP A 188 1.82 -0.96 -18.66
CA ASP A 188 0.74 -1.92 -18.79
C ASP A 188 0.97 -2.66 -20.09
N ASP A 189 1.53 -3.87 -20.00
CA ASP A 189 1.92 -4.61 -21.21
C ASP A 189 0.80 -4.74 -22.23
N ALA A 190 -0.45 -4.93 -21.79
CA ALA A 190 -1.55 -5.23 -22.72
C ALA A 190 -1.87 -4.08 -23.64
N THR A 191 -1.60 -2.85 -23.18
CA THR A 191 -1.90 -1.64 -23.96
C THR A 191 -0.61 -0.98 -24.40
N ALA A 192 0.49 -1.67 -24.15
CA ALA A 192 1.81 -1.07 -24.37
C ALA A 192 2.01 -0.61 -25.80
N ARG A 193 1.76 -1.50 -26.76
CA ARG A 193 1.99 -1.19 -28.14
C ARG A 193 1.11 -0.02 -28.62
N GLU A 194 -0.16 -0.03 -28.27
CA GLU A 194 -0.97 1.11 -28.57
C GLU A 194 -0.43 2.37 -27.92
N PHE A 195 0.03 2.26 -26.67
CA PHE A 195 0.54 3.41 -25.93
C PHE A 195 1.74 4.02 -26.70
N LEU A 196 2.66 3.20 -27.21
CA LEU A 196 3.68 3.72 -28.09
C LEU A 196 3.09 4.39 -29.36
N THR A 197 2.11 3.72 -30.01
CA THR A 197 1.56 4.21 -31.25
C THR A 197 0.98 5.64 -31.09
N LEU A 198 0.32 5.89 -29.96
CA LEU A 198 -0.24 7.19 -29.68
C LEU A 198 0.75 8.27 -29.27
N GLY A 199 2.02 7.92 -29.03
CA GLY A 199 3.01 8.95 -28.69
C GLY A 199 3.95 8.66 -27.51
N GLY A 200 3.87 7.46 -26.94
CA GLY A 200 4.59 7.26 -25.72
C GLY A 200 6.03 7.08 -26.11
N ASP A 201 6.93 7.18 -25.14
CA ASP A 201 8.38 7.00 -25.35
C ASP A 201 8.90 5.58 -25.05
N GLY A 202 8.20 4.84 -24.18
CA GLY A 202 8.69 3.52 -23.91
C GLY A 202 7.81 2.73 -23.00
N VAL A 203 8.35 1.62 -22.54
CA VAL A 203 7.57 0.67 -21.77
C VAL A 203 8.42 0.07 -20.71
N ILE A 204 7.90 0.12 -19.49
CA ILE A 204 8.54 -0.56 -18.40
C ILE A 204 7.60 -1.74 -18.07
N SER A 205 8.13 -2.92 -18.26
CA SER A 205 7.33 -4.06 -18.64
C SER A 205 7.57 -5.26 -17.71
N VAL A 206 6.58 -6.13 -17.66
CA VAL A 206 6.73 -7.41 -16.98
C VAL A 206 7.21 -8.47 -18.02
N ALA A 207 6.51 -8.56 -19.14
CA ALA A 207 6.66 -9.62 -20.17
C ALA A 207 8.07 -9.66 -20.76
N ASN A 208 8.66 -8.49 -20.83
CA ASN A 208 10.09 -8.26 -20.99
C ASN A 208 11.04 -9.24 -20.33
N ASN A 209 10.69 -9.68 -19.12
CA ASN A 209 11.56 -10.56 -18.40
C ASN A 209 11.81 -11.83 -19.19
N ILE A 210 10.87 -12.24 -20.04
CA ILE A 210 10.91 -13.58 -20.60
C ILE A 210 10.84 -13.57 -22.09
N VAL A 211 10.34 -12.48 -22.67
CA VAL A 211 10.39 -12.33 -24.12
C VAL A 211 11.09 -11.01 -24.52
N PRO A 212 12.31 -10.79 -24.02
CA PRO A 212 12.91 -9.48 -24.33
C PRO A 212 13.15 -9.19 -25.83
N LYS A 213 13.55 -10.21 -26.64
CA LYS A 213 13.80 -9.94 -28.05
C LYS A 213 12.57 -9.45 -28.81
N LEU A 214 11.49 -10.25 -28.78
CA LEU A 214 10.24 -9.85 -29.46
C LEU A 214 9.66 -8.60 -28.89
N PHE A 215 9.84 -8.42 -27.59
CA PHE A 215 9.27 -7.22 -26.98
C PHE A 215 10.01 -5.93 -27.48
N LYS A 216 11.34 -6.00 -27.47
CA LYS A 216 12.16 -4.96 -28.05
C LYS A 216 11.74 -4.67 -29.53
N LEU A 217 11.72 -5.72 -30.38
CA LEU A 217 11.17 -5.55 -31.73
C LEU A 217 9.82 -4.89 -31.77
N MET A 218 8.90 -5.32 -30.92
CA MET A 218 7.62 -4.68 -30.92
C MET A 218 7.77 -3.18 -30.68
N CYS A 219 8.61 -2.81 -29.72
CA CYS A 219 8.71 -1.43 -29.27
C CYS A 219 9.40 -0.52 -30.27
N ASP A 220 10.56 -0.95 -30.78
CA ASP A 220 11.26 -0.25 -31.85
C ASP A 220 10.30 -0.01 -33.01
N ALA A 221 9.63 -1.08 -33.45
CA ALA A 221 8.80 -0.92 -34.62
C ALA A 221 7.72 0.08 -34.37
N ALA A 222 7.04 -0.01 -33.22
CA ALA A 222 6.02 1.00 -32.91
C ALA A 222 6.55 2.46 -32.83
N LEU A 223 7.73 2.64 -32.22
CA LEU A 223 8.33 3.99 -32.14
C LEU A 223 8.72 4.53 -33.55
N ALA A 224 9.06 3.63 -34.46
CA ALA A 224 9.49 3.98 -35.78
C ALA A 224 8.28 4.22 -36.67
N GLY A 225 7.08 3.87 -36.21
CA GLY A 225 5.89 4.11 -37.02
C GLY A 225 5.64 2.97 -37.97
N ASP A 226 6.38 1.88 -37.82
CA ASP A 226 6.14 0.67 -38.63
C ASP A 226 5.11 -0.22 -37.91
N THR A 227 3.86 0.20 -37.92
CA THR A 227 2.81 -0.48 -37.15
C THR A 227 2.51 -1.98 -37.51
N GLN A 228 2.59 -2.35 -38.78
CA GLN A 228 2.49 -3.73 -39.18
C GLN A 228 3.57 -4.60 -38.51
N ALA A 229 4.81 -4.19 -38.57
CA ALA A 229 5.83 -4.96 -37.86
C ALA A 229 5.56 -4.98 -36.36
N ALA A 230 4.96 -3.91 -35.82
CA ALA A 230 4.75 -3.83 -34.37
C ALA A 230 3.65 -4.81 -33.94
N MET A 231 2.57 -4.81 -34.70
CA MET A 231 1.45 -5.71 -34.46
C MET A 231 1.87 -7.16 -34.71
N ALA A 232 2.74 -7.37 -35.69
CA ALA A 232 3.16 -8.73 -36.01
C ALA A 232 4.00 -9.32 -34.87
N ALA A 233 4.88 -8.49 -34.29
CA ALA A 233 5.65 -8.88 -33.11
C ALA A 233 4.76 -9.03 -31.89
N GLU A 234 3.90 -8.06 -31.63
CA GLU A 234 2.92 -8.22 -30.54
C GLU A 234 2.14 -9.58 -30.65
N ASP A 235 1.76 -9.97 -31.87
CA ASP A 235 0.85 -11.09 -32.09
C ASP A 235 1.35 -12.37 -31.42
N GLN A 236 2.63 -12.61 -31.60
CA GLN A 236 3.33 -13.72 -31.08
C GLN A 236 3.31 -13.77 -29.57
N ILE A 237 3.28 -12.61 -28.89
CA ILE A 237 3.52 -12.62 -27.46
C ILE A 237 2.34 -12.21 -26.63
N LYS A 238 1.32 -11.71 -27.29
CA LYS A 238 0.14 -11.11 -26.69
C LYS A 238 -0.51 -11.95 -25.56
N GLY A 239 -0.47 -13.29 -25.66
CA GLY A 239 -1.11 -14.14 -24.67
C GLY A 239 -0.43 -14.01 -23.32
N LEU A 240 0.88 -13.75 -23.32
CA LEU A 240 1.57 -13.46 -22.08
C LEU A 240 0.99 -12.24 -21.40
N PHE A 241 0.40 -11.29 -22.13
CA PHE A 241 -0.06 -10.06 -21.46
C PHE A 241 -1.24 -10.20 -20.50
N SER A 242 -1.95 -11.33 -20.59
CA SER A 242 -2.94 -11.74 -19.59
C SER A 242 -2.36 -12.86 -18.75
N ALA A 243 -1.69 -13.86 -19.35
CA ALA A 243 -1.25 -15.01 -18.55
C ALA A 243 -0.29 -14.65 -17.41
N LEU A 244 0.49 -13.58 -17.57
CA LEU A 244 1.50 -13.18 -16.56
C LEU A 244 0.81 -12.49 -15.39
N PHE A 245 -0.50 -12.39 -15.46
CA PHE A 245 -1.32 -11.73 -14.43
C PHE A 245 -2.42 -12.66 -13.83
N CYS A 246 -2.33 -13.99 -14.03
CA CYS A 246 -3.35 -14.89 -13.41
C CYS A 246 -3.41 -14.79 -11.88
N GLU A 247 -2.27 -14.45 -11.30
CA GLU A 247 -2.10 -14.17 -9.90
C GLU A 247 -1.20 -12.91 -9.91
N ALA A 248 -1.12 -12.16 -8.82
CA ALA A 248 -0.43 -10.89 -8.88
C ALA A 248 1.01 -10.98 -9.36
N ASN A 249 1.40 -10.08 -10.25
CA ASN A 249 2.78 -9.85 -10.60
C ASN A 249 3.58 -9.51 -9.30
N PRO A 250 4.76 -10.14 -9.11
CA PRO A 250 5.44 -11.05 -10.08
C PRO A 250 5.29 -12.55 -9.82
N ILE A 251 4.20 -12.98 -9.20
CA ILE A 251 4.07 -14.40 -8.97
C ILE A 251 4.22 -15.21 -10.30
N PRO A 252 3.50 -14.83 -11.39
CA PRO A 252 3.59 -15.68 -12.59
C PRO A 252 4.92 -15.56 -13.30
N VAL A 253 5.39 -14.31 -13.46
CA VAL A 253 6.57 -14.08 -14.25
C VAL A 253 7.76 -14.74 -13.54
N LYS A 254 7.77 -14.71 -12.20
CA LYS A 254 8.87 -15.42 -11.53
C LYS A 254 8.81 -16.94 -11.84
N TRP A 255 7.61 -17.50 -11.85
CA TRP A 255 7.46 -18.95 -12.20
C TRP A 255 7.99 -19.19 -13.61
N ALA A 256 7.60 -18.38 -14.56
CA ALA A 256 8.04 -18.58 -15.92
C ALA A 256 9.58 -18.57 -16.05
N ALA A 257 10.22 -17.67 -15.31
CA ALA A 257 11.64 -17.44 -15.50
C ALA A 257 12.33 -18.68 -14.93
N HIS A 258 11.85 -19.16 -13.79
CA HIS A 258 12.45 -20.38 -13.23
C HIS A 258 12.26 -21.54 -14.25
N LYS A 259 11.05 -21.67 -14.78
CA LYS A 259 10.71 -22.78 -15.64
C LYS A 259 11.60 -22.79 -16.87
N MET A 260 12.05 -21.59 -17.29
CA MET A 260 12.85 -21.39 -18.48
C MET A 260 14.33 -21.64 -18.22
N GLY A 261 14.71 -21.81 -16.96
CA GLY A 261 16.11 -21.84 -16.65
C GLY A 261 16.83 -20.49 -16.59
N LEU A 262 16.09 -19.36 -16.64
CA LEU A 262 16.76 -18.06 -16.40
C LEU A 262 17.31 -17.86 -14.97
N ILE A 263 16.67 -18.48 -13.97
CA ILE A 263 17.06 -18.27 -12.55
C ILE A 263 17.11 -19.67 -11.88
N SER A 264 17.95 -19.84 -10.86
CA SER A 264 18.13 -21.17 -10.27
C SER A 264 16.88 -21.66 -9.54
N GLN A 265 16.21 -20.77 -8.79
CA GLN A 265 15.14 -21.16 -7.82
C GLN A 265 13.91 -20.27 -8.01
N GLY A 266 12.74 -20.83 -7.73
CA GLY A 266 11.47 -20.13 -7.95
C GLY A 266 11.06 -19.31 -6.73
N ASP A 267 11.93 -19.23 -5.74
CA ASP A 267 11.50 -18.74 -4.44
C ASP A 267 11.07 -17.28 -4.45
N ILE A 268 10.04 -17.01 -3.66
CA ILE A 268 9.43 -15.70 -3.61
C ILE A 268 9.11 -15.41 -2.16
N ARG A 269 9.16 -14.16 -1.73
CA ARG A 269 8.97 -13.86 -0.29
C ARG A 269 7.55 -13.61 0.16
N LEU A 270 7.19 -14.11 1.35
CA LEU A 270 5.87 -13.88 1.89
C LEU A 270 5.63 -12.37 2.05
N PRO A 271 4.40 -11.89 1.76
CA PRO A 271 3.22 -12.77 1.60
C PRO A 271 2.95 -13.30 0.23
N LEU A 272 3.84 -13.09 -0.70
CA LEU A 272 3.64 -13.65 -2.03
C LEU A 272 3.96 -15.15 -1.92
N THR A 273 3.40 -15.92 -2.83
CA THR A 273 3.55 -17.35 -2.82
C THR A 273 3.79 -17.83 -4.23
N GLU A 274 4.43 -18.99 -4.39
CA GLU A 274 4.60 -19.56 -5.72
C GLU A 274 3.31 -19.79 -6.49
N LEU A 275 3.36 -19.54 -7.78
CA LEU A 275 2.24 -19.73 -8.67
C LEU A 275 1.51 -21.05 -8.34
N SER A 276 0.19 -21.01 -8.11
CA SER A 276 -0.48 -22.28 -7.78
C SER A 276 -0.73 -23.13 -9.00
N THR A 277 -0.73 -24.45 -8.76
CA THR A 277 -0.67 -25.46 -9.81
C THR A 277 -1.87 -25.33 -10.77
N GLU A 278 -2.99 -24.86 -10.28
CA GLU A 278 -4.12 -24.64 -11.15
C GLU A 278 -3.81 -23.69 -12.33
N PHE A 279 -2.73 -22.92 -12.29
CA PHE A 279 -2.40 -21.99 -13.40
C PHE A 279 -1.19 -22.42 -14.20
N HIS A 280 -0.48 -23.44 -13.74
CA HIS A 280 0.69 -23.92 -14.48
C HIS A 280 0.46 -24.25 -15.97
N GLY A 281 -0.64 -24.91 -16.34
CA GLY A 281 -0.84 -25.25 -17.73
C GLY A 281 -1.18 -24.02 -18.55
N LEU A 282 -2.07 -23.19 -18.04
CA LEU A 282 -2.33 -21.87 -18.60
C LEU A 282 -1.03 -21.13 -19.05
N LEU A 283 -0.01 -21.14 -18.20
CA LEU A 283 1.17 -20.31 -18.41
C LEU A 283 2.17 -20.98 -19.35
N LEU A 284 2.40 -22.25 -19.10
CA LEU A 284 3.18 -23.10 -19.98
C LEU A 284 2.65 -23.02 -21.41
N ASP A 285 1.33 -23.10 -21.61
CA ASP A 285 0.76 -22.89 -22.94
C ASP A 285 1.11 -21.50 -23.48
N ALA A 286 0.90 -20.46 -22.68
CA ALA A 286 1.19 -19.12 -23.19
C ALA A 286 2.70 -18.94 -23.52
N MET A 287 3.56 -19.57 -22.75
CA MET A 287 4.97 -19.52 -23.05
C MET A 287 5.29 -20.23 -24.38
N LYS A 288 4.71 -21.43 -24.61
CA LYS A 288 4.89 -22.16 -25.93
C LYS A 288 4.48 -21.25 -27.08
N ASN A 289 3.30 -20.65 -26.94
CA ASN A 289 2.76 -19.79 -27.97
C ASN A 289 3.59 -18.54 -28.19
N ALA A 290 4.39 -18.14 -27.20
CA ALA A 290 5.27 -17.00 -27.36
C ALA A 290 6.61 -17.44 -27.91
N ARG A 291 6.73 -18.72 -28.29
CA ARG A 291 7.98 -19.24 -28.87
C ARG A 291 9.07 -19.39 -27.85
N ILE A 292 8.70 -19.56 -26.59
CA ILE A 292 9.67 -19.76 -25.55
C ILE A 292 9.89 -21.26 -25.39
N GLU A 293 11.14 -21.65 -25.54
CA GLU A 293 11.54 -23.05 -25.50
C GLU A 293 11.63 -23.58 -24.07
N VAL A 294 11.10 -24.79 -23.88
CA VAL A 294 11.14 -25.57 -22.62
C VAL A 294 9.87 -25.37 -21.74
N LYS A 295 9.12 -26.48 -21.60
CA LYS A 295 9.48 -27.81 -22.23
C LYS A 295 8.68 -28.13 -23.51
N HIS B 1 -11.48 -12.60 23.35
CA HIS B 1 -11.97 -12.43 24.77
C HIS B 1 -13.00 -11.26 25.06
N MET B 2 -12.66 -10.29 25.93
CA MET B 2 -13.60 -9.22 26.42
C MET B 2 -13.39 -7.79 25.85
N ILE B 3 -12.82 -7.65 24.64
CA ILE B 3 -12.77 -6.33 23.97
C ILE B 3 -13.85 -6.17 22.90
N ASN B 4 -14.75 -5.21 23.12
CA ASN B 4 -15.93 -5.02 22.28
C ASN B 4 -16.44 -3.59 22.50
N GLY B 5 -17.57 -3.24 21.88
CA GLY B 5 -18.10 -1.88 22.05
C GLY B 5 -17.46 -0.85 21.11
N SER B 6 -17.18 0.34 21.66
CA SER B 6 -16.61 1.50 20.95
C SER B 6 -15.09 1.55 21.16
N ILE B 7 -14.33 1.22 20.12
CA ILE B 7 -12.89 1.23 20.20
C ILE B 7 -12.36 2.36 19.32
N VAL B 8 -11.59 3.28 19.89
CA VAL B 8 -11.04 4.36 19.07
C VAL B 8 -9.73 3.99 18.40
N ALA B 9 -9.69 4.09 17.06
CA ALA B 9 -8.39 4.08 16.32
C ALA B 9 -7.73 5.47 16.48
N LEU B 10 -6.87 5.57 17.48
CA LEU B 10 -6.36 6.83 17.92
C LEU B 10 -5.50 7.55 16.88
N ILE B 11 -5.71 8.86 16.73
CA ILE B 11 -4.77 9.67 15.99
C ILE B 11 -3.39 9.73 16.69
N THR B 12 -2.29 9.93 15.94
CA THR B 12 -1.00 10.21 16.56
C THR B 12 -0.65 11.70 16.50
N PRO B 13 -0.75 12.39 17.63
CA PRO B 13 -0.58 13.86 17.58
C PRO B 13 0.88 14.20 17.43
N LEU B 14 1.20 15.26 16.69
CA LEU B 14 2.60 15.62 16.51
C LEU B 14 2.89 17.03 16.96
N ASN B 15 4.15 17.30 17.32
CA ASN B 15 4.64 18.66 17.57
C ASN B 15 4.81 19.37 16.26
N SER B 16 5.03 20.68 16.29
CA SER B 16 5.18 21.35 14.99
C SER B 16 6.53 21.08 14.39
N ASP B 17 7.45 20.47 15.10
CA ASP B 17 8.61 19.94 14.37
C ASP B 17 8.37 18.50 13.70
N GLY B 18 7.15 17.97 13.81
CA GLY B 18 6.81 16.63 13.27
C GLY B 18 7.14 15.44 14.18
N THR B 19 7.85 15.73 15.27
CA THR B 19 8.10 14.68 16.29
C THR B 19 6.75 14.37 16.97
N VAL B 20 6.68 13.27 17.73
CA VAL B 20 5.48 12.89 18.39
C VAL B 20 5.29 13.73 19.66
N ASP B 21 4.05 14.20 19.80
CA ASP B 21 3.62 15.00 20.92
C ASP B 21 3.03 14.09 22.02
N TYR B 22 3.87 13.65 22.93
CA TYR B 22 3.45 12.76 24.01
C TYR B 22 2.58 13.46 25.06
N THR B 23 2.75 14.77 25.23
CA THR B 23 1.82 15.51 26.11
C THR B 23 0.37 15.41 25.55
N SER B 24 0.14 15.68 24.28
CA SER B 24 -1.23 15.45 23.76
C SER B 24 -1.61 13.99 23.72
N LEU B 25 -0.64 13.11 23.53
CA LEU B 25 -0.98 11.67 23.49
C LEU B 25 -1.52 11.21 24.82
N GLU B 26 -0.83 11.60 25.88
CA GLU B 26 -1.30 11.44 27.23
C GLU B 26 -2.70 12.03 27.45
N LYS B 27 -2.92 13.23 26.95
CA LYS B 27 -4.23 13.87 27.14
C LYS B 27 -5.32 13.06 26.41
N LEU B 28 -4.99 12.55 25.22
CA LEU B 28 -5.95 11.73 24.49
C LEU B 28 -6.36 10.49 25.28
N VAL B 29 -5.40 9.81 25.89
CA VAL B 29 -5.71 8.58 26.60
C VAL B 29 -6.63 8.91 27.77
N GLU B 30 -6.35 10.00 28.49
CA GLU B 30 -7.18 10.37 29.67
C GLU B 30 -8.59 10.67 29.17
N TYR B 31 -8.67 11.46 28.11
CA TYR B 31 -9.95 11.82 27.54
C TYR B 31 -10.76 10.58 27.26
N HIS B 32 -10.22 9.61 26.53
CA HIS B 32 -10.96 8.39 26.32
C HIS B 32 -11.36 7.65 27.57
N ILE B 33 -10.52 7.68 28.60
CA ILE B 33 -10.90 7.02 29.84
C ILE B 33 -12.13 7.71 30.45
N THR B 34 -12.13 9.03 30.34
CA THR B 34 -13.14 9.85 30.92
C THR B 34 -14.41 9.61 30.18
N GLU B 35 -14.31 9.50 28.86
CA GLU B 35 -15.52 9.51 28.07
C GLU B 35 -16.12 8.12 27.89
N GLY B 36 -15.45 7.08 28.38
CA GLY B 36 -16.03 5.72 28.42
C GLY B 36 -15.71 4.79 27.25
N THR B 37 -14.81 5.23 26.37
CA THR B 37 -14.30 4.39 25.27
C THR B 37 -13.81 2.98 25.71
N ASP B 38 -14.14 1.94 24.99
CA ASP B 38 -13.79 0.59 25.52
C ASP B 38 -12.34 0.15 25.37
N ALA B 39 -11.64 0.75 24.43
CA ALA B 39 -10.27 0.36 24.14
C ALA B 39 -9.67 1.37 23.16
N ILE B 40 -8.35 1.45 23.16
CA ILE B 40 -7.62 2.27 22.22
C ILE B 40 -6.79 1.41 21.26
N VAL B 41 -6.94 1.58 19.95
CA VAL B 41 -5.93 1.14 18.99
C VAL B 41 -4.87 2.25 18.73
N ALA B 42 -3.61 1.91 18.98
CA ALA B 42 -2.48 2.82 18.78
C ALA B 42 -1.75 2.39 17.51
N VAL B 43 -1.56 3.35 16.61
CA VAL B 43 -0.84 3.13 15.36
C VAL B 43 -1.58 2.16 14.37
N GLY B 44 -2.90 2.36 14.24
CA GLY B 44 -3.66 1.90 13.10
C GLY B 44 -3.49 2.89 11.97
N THR B 45 -4.29 2.71 10.93
CA THR B 45 -4.28 3.59 9.78
C THR B 45 -4.52 5.04 10.21
N THR B 46 -5.48 5.23 11.11
CA THR B 46 -5.79 6.52 11.66
C THR B 46 -4.62 7.15 12.43
N GLY B 47 -3.73 6.30 12.95
CA GLY B 47 -2.58 6.68 13.75
C GLY B 47 -1.35 6.91 12.89
N GLU B 48 -1.55 6.93 11.59
CA GLU B 48 -0.45 7.16 10.62
C GLU B 48 0.68 6.10 10.66
N SER B 49 0.31 4.84 10.79
CA SER B 49 1.32 3.79 10.84
C SER B 49 2.34 3.95 9.70
N ALA B 50 1.88 4.32 8.53
CA ALA B 50 2.76 4.46 7.36
C ALA B 50 3.98 5.37 7.53
N THR B 51 3.80 6.51 8.24
CA THR B 51 4.87 7.45 8.25
C THR B 51 5.55 7.44 9.61
N LEU B 52 5.26 6.41 10.42
CA LEU B 52 6.04 6.19 11.65
C LEU B 52 7.06 5.06 11.47
N PRO B 53 8.38 5.37 11.43
CA PRO B 53 9.23 4.18 11.38
C PRO B 53 9.11 3.33 12.62
N ILE B 54 9.61 2.11 12.49
CA ILE B 54 9.42 1.04 13.45
C ILE B 54 9.69 1.44 14.89
N SER B 55 10.69 2.25 15.14
CA SER B 55 11.03 2.51 16.53
C SER B 55 10.15 3.62 17.11
N GLU B 56 9.71 4.55 16.27
CA GLU B 56 8.67 5.48 16.70
C GLU B 56 7.32 4.82 16.89
N HIS B 57 7.01 3.90 16.00
CA HIS B 57 5.80 3.14 16.06
C HIS B 57 5.74 2.45 17.41
N ILE B 58 6.79 1.71 17.81
CA ILE B 58 6.89 1.08 19.13
C ILE B 58 6.81 2.12 20.29
N ALA B 59 7.54 3.20 20.20
CA ALA B 59 7.46 4.27 21.18
C ALA B 59 5.99 4.67 21.40
N VAL B 60 5.21 4.82 20.32
CA VAL B 60 3.82 5.28 20.45
C VAL B 60 3.00 4.20 21.10
N VAL B 61 3.11 2.96 20.62
CA VAL B 61 2.35 1.92 21.25
C VAL B 61 2.75 1.85 22.74
N GLY B 62 4.03 1.95 23.06
CA GLY B 62 4.44 1.74 24.43
C GLY B 62 4.07 2.86 25.36
N GLN B 63 4.08 4.09 24.87
CA GLN B 63 3.67 5.19 25.69
C GLN B 63 2.16 5.18 25.91
N THR B 64 1.45 4.68 24.91
CA THR B 64 0.03 4.64 25.01
C THR B 64 -0.33 3.62 26.08
N VAL B 65 0.28 2.44 26.04
CA VAL B 65 0.07 1.52 27.14
C VAL B 65 0.45 2.19 28.49
N LYS B 66 1.56 2.90 28.53
CA LYS B 66 1.96 3.39 29.81
C LYS B 66 0.91 4.41 30.30
N PHE B 67 0.42 5.30 29.42
CA PHE B 67 -0.49 6.35 29.89
C PHE B 67 -1.81 5.74 30.40
N ALA B 68 -2.20 4.65 29.75
CA ALA B 68 -3.41 3.93 30.09
C ALA B 68 -3.35 3.31 31.48
N SER B 69 -2.11 3.03 31.96
CA SER B 69 -1.89 2.41 33.26
C SER B 69 -2.95 1.38 33.66
N GLY B 70 -3.21 0.41 32.80
CA GLY B 70 -4.20 -0.63 33.13
C GLY B 70 -5.65 -0.17 33.27
N ARG B 71 -5.94 1.12 33.03
CA ARG B 71 -7.32 1.63 33.13
C ARG B 71 -8.16 1.45 31.86
N ILE B 72 -7.54 1.09 30.72
CA ILE B 72 -8.25 0.86 29.45
C ILE B 72 -7.36 0.00 28.57
N PRO B 73 -7.91 -1.00 27.91
CA PRO B 73 -7.01 -1.82 27.05
C PRO B 73 -6.41 -1.06 25.85
N VAL B 74 -5.14 -1.35 25.55
CA VAL B 74 -4.47 -0.80 24.40
C VAL B 74 -4.15 -1.94 23.40
N ILE B 75 -4.58 -1.77 22.14
CA ILE B 75 -4.35 -2.68 21.04
C ILE B 75 -3.31 -2.06 20.11
N GLY B 76 -2.26 -2.84 19.86
CA GLY B 76 -1.13 -2.39 19.04
C GLY B 76 -1.24 -2.71 17.57
N GLY B 77 -0.97 -1.69 16.73
CA GLY B 77 -1.00 -1.87 15.30
C GLY B 77 0.21 -2.71 14.88
N ASN B 78 0.03 -3.80 14.15
CA ASN B 78 1.17 -4.58 13.74
C ASN B 78 1.03 -5.10 12.32
N GLY B 79 0.30 -4.38 11.47
CA GLY B 79 0.22 -4.81 10.05
C GLY B 79 1.47 -4.42 9.22
N ALA B 80 1.78 -5.19 8.19
CA ALA B 80 2.89 -4.82 7.28
C ALA B 80 2.62 -5.58 5.96
N ASN B 81 3.16 -5.09 4.87
CA ASN B 81 3.01 -5.83 3.63
C ASN B 81 4.13 -6.80 3.29
N ALA B 82 5.12 -6.92 4.18
CA ALA B 82 6.12 -7.93 4.17
C ALA B 82 5.93 -8.83 5.38
N THR B 83 5.77 -10.14 5.21
CA THR B 83 5.60 -11.00 6.45
C THR B 83 6.71 -10.87 7.53
N ALA B 84 7.96 -10.87 7.08
CA ALA B 84 9.08 -10.66 8.06
C ALA B 84 8.96 -9.35 8.84
N GLU B 85 8.40 -8.33 8.22
CA GLU B 85 8.35 -7.01 8.84
C GLU B 85 7.23 -7.04 9.86
N ALA B 86 6.12 -7.70 9.52
CA ALA B 86 5.04 -7.90 10.49
C ALA B 86 5.51 -8.68 11.67
N ILE B 87 6.35 -9.68 11.43
CA ILE B 87 6.94 -10.42 12.57
C ILE B 87 7.76 -9.53 13.49
N GLU B 88 8.54 -8.60 12.91
CA GLU B 88 9.49 -7.78 13.72
C GLU B 88 8.69 -6.86 14.61
N LEU B 89 7.62 -6.34 14.03
CA LEU B 89 6.76 -5.38 14.71
C LEU B 89 6.00 -6.06 15.85
N THR B 90 5.56 -7.28 15.58
CA THR B 90 4.91 -8.10 16.59
C THR B 90 5.86 -8.44 17.72
N LYS B 91 7.03 -8.96 17.39
CA LYS B 91 8.02 -9.21 18.45
C LYS B 91 8.33 -8.00 19.33
N ALA B 92 8.39 -6.78 18.76
CA ALA B 92 8.72 -5.60 19.58
C ALA B 92 7.59 -5.21 20.49
N GLN B 93 6.39 -5.68 20.22
CA GLN B 93 5.27 -5.32 21.03
C GLN B 93 4.97 -6.38 22.03
N ASN B 94 5.59 -7.57 21.89
CA ASN B 94 5.32 -8.67 22.83
C ASN B 94 5.40 -8.30 24.32
N LYS B 95 6.38 -7.51 24.73
CA LYS B 95 6.37 -7.15 26.16
C LYS B 95 6.08 -5.65 26.44
N LEU B 96 5.26 -5.03 25.57
CA LEU B 96 4.91 -3.63 25.78
C LEU B 96 3.75 -3.44 26.74
N GLY B 97 2.92 -4.49 26.91
CA GLY B 97 1.72 -4.41 27.69
C GLY B 97 0.40 -4.30 26.91
N VAL B 98 0.38 -4.63 25.62
CA VAL B 98 -0.85 -4.54 24.85
C VAL B 98 -1.83 -5.65 25.09
N ALA B 99 -3.12 -5.36 24.95
CA ALA B 99 -4.14 -6.40 25.14
C ALA B 99 -4.27 -7.28 23.88
N ALA B 100 -3.90 -6.71 22.73
CA ALA B 100 -4.08 -7.34 21.44
C ALA B 100 -3.29 -6.56 20.40
N MET B 101 -3.18 -7.15 19.22
CA MET B 101 -2.61 -6.48 18.07
C MET B 101 -3.65 -6.50 16.94
N LEU B 102 -3.61 -5.43 16.15
CA LEU B 102 -4.47 -5.20 15.00
C LEU B 102 -3.58 -5.19 13.75
N GLY B 103 -3.74 -6.15 12.87
CA GLY B 103 -2.92 -6.20 11.67
C GLY B 103 -3.63 -6.11 10.32
N VAL B 104 -3.43 -4.97 9.60
CA VAL B 104 -3.99 -4.76 8.29
C VAL B 104 -3.43 -5.82 7.34
N THR B 105 -4.22 -6.24 6.34
CA THR B 105 -3.70 -7.16 5.32
C THR B 105 -2.54 -6.52 4.53
N PRO B 106 -1.59 -7.34 4.03
CA PRO B 106 -0.64 -6.71 3.11
C PRO B 106 -1.25 -5.79 2.03
N TYR B 107 -0.68 -4.58 1.87
CA TYR B 107 -1.16 -3.63 0.89
C TYR B 107 -0.14 -3.49 -0.23
N TYR B 108 -0.62 -3.11 -1.45
CA TYR B 108 0.18 -2.78 -2.61
C TYR B 108 0.74 -4.02 -3.33
N ASN B 109 1.24 -5.02 -2.57
CA ASN B 109 1.73 -6.21 -3.31
C ASN B 109 0.69 -7.30 -3.62
N LYS B 110 -0.55 -7.16 -3.14
CA LYS B 110 -1.71 -8.00 -3.55
C LYS B 110 -1.44 -9.55 -3.43
N PRO B 111 -1.11 -10.04 -2.25
CA PRO B 111 -0.91 -11.52 -2.18
C PRO B 111 -2.23 -12.30 -2.39
N SER B 112 -2.09 -13.54 -2.84
CA SER B 112 -3.26 -14.40 -3.03
C SER B 112 -3.84 -14.89 -1.71
N PRO B 113 -5.07 -15.48 -1.74
CA PRO B 113 -5.61 -15.98 -0.47
C PRO B 113 -4.68 -16.87 0.33
N LYS B 114 -3.99 -17.80 -0.31
CA LYS B 114 -3.14 -18.65 0.49
C LYS B 114 -1.95 -17.92 1.08
N GLY B 115 -1.56 -16.82 0.43
CA GLY B 115 -0.47 -16.02 0.95
C GLY B 115 -0.89 -15.26 2.18
N LEU B 116 -2.10 -14.73 2.16
CA LEU B 116 -2.65 -14.07 3.35
C LEU B 116 -2.71 -15.04 4.57
N ILE B 117 -3.19 -16.27 4.31
CA ILE B 117 -3.27 -17.30 5.35
C ILE B 117 -1.89 -17.55 5.94
N ALA B 118 -0.91 -17.78 5.06
CA ALA B 118 0.46 -18.03 5.50
C ALA B 118 1.05 -16.87 6.24
N HIS B 119 0.72 -15.66 5.79
CA HIS B 119 1.27 -14.45 6.40
C HIS B 119 0.72 -14.33 7.82
N TYR B 120 -0.58 -14.45 7.95
CA TYR B 120 -1.12 -14.24 9.26
C TYR B 120 -0.77 -15.39 10.22
N THR B 121 -0.68 -16.60 9.68
CA THR B 121 -0.22 -17.73 10.48
C THR B 121 1.19 -17.49 11.01
N ALA B 122 2.11 -17.09 10.13
CA ALA B 122 3.47 -16.82 10.61
C ALA B 122 3.48 -15.72 11.68
N VAL B 123 2.65 -14.69 11.51
CA VAL B 123 2.67 -13.56 12.45
C VAL B 123 2.11 -14.02 13.75
N ALA B 124 0.98 -14.70 13.70
CA ALA B 124 0.41 -15.27 14.94
C ALA B 124 1.36 -16.22 15.68
N ALA B 125 2.19 -17.00 14.95
CA ALA B 125 3.10 -17.98 15.58
C ALA B 125 4.17 -17.29 16.35
N SER B 126 4.30 -15.96 16.22
CA SER B 126 5.45 -15.33 16.88
C SER B 126 5.08 -14.65 18.19
N THR B 127 3.90 -14.94 18.66
CA THR B 127 3.50 -14.23 19.85
C THR B 127 2.44 -15.02 20.53
N ASP B 128 2.12 -14.70 21.78
N ASP B 128 2.20 -14.64 21.76
CA ASP B 128 0.92 -15.26 22.45
CA ASP B 128 1.12 -15.14 22.58
C ASP B 128 -0.16 -14.17 22.67
C ASP B 128 -0.13 -14.25 22.42
N ILE B 129 0.11 -12.96 22.18
CA ILE B 129 -0.87 -11.89 22.24
C ILE B 129 -2.00 -12.13 21.20
N PRO B 130 -3.25 -11.91 21.60
CA PRO B 130 -4.35 -12.01 20.62
C PRO B 130 -4.18 -11.02 19.44
N GLN B 131 -4.57 -11.54 18.27
CA GLN B 131 -4.42 -10.95 16.97
C GLN B 131 -5.79 -10.75 16.35
N ILE B 132 -6.07 -9.50 15.96
CA ILE B 132 -7.26 -9.10 15.15
C ILE B 132 -6.83 -8.79 13.71
N LEU B 133 -7.43 -9.50 12.75
CA LEU B 133 -7.20 -9.27 11.35
C LEU B 133 -7.91 -7.94 10.93
N TYR B 134 -7.50 -7.34 9.81
CA TYR B 134 -8.03 -6.05 9.40
C TYR B 134 -8.12 -6.02 7.86
N ASN B 135 -9.34 -5.97 7.34
CA ASN B 135 -9.58 -5.97 5.90
C ASN B 135 -10.08 -4.55 5.49
N VAL B 136 -9.32 -3.86 4.62
CA VAL B 136 -9.71 -2.52 4.05
C VAL B 136 -9.21 -2.44 2.59
N PRO B 137 -9.93 -3.12 1.70
CA PRO B 137 -9.63 -3.24 0.28
C PRO B 137 -9.53 -1.89 -0.38
N GLY B 138 -10.30 -0.92 0.10
CA GLY B 138 -10.22 0.45 -0.46
C GLY B 138 -8.82 1.04 -0.34
N ARG B 139 -7.99 0.52 0.56
CA ARG B 139 -6.62 1.04 0.77
C ARG B 139 -5.53 0.07 0.35
N THR B 140 -5.80 -1.25 0.43
CA THR B 140 -4.74 -2.22 0.34
C THR B 140 -4.74 -2.84 -1.02
N ALA B 141 -5.84 -2.67 -1.77
CA ALA B 141 -6.07 -3.35 -3.07
C ALA B 141 -6.21 -4.90 -3.00
N VAL B 142 -6.44 -5.44 -1.81
CA VAL B 142 -6.79 -6.87 -1.69
C VAL B 142 -8.01 -6.99 -0.75
N ASP B 143 -8.99 -7.72 -1.20
CA ASP B 143 -10.16 -7.89 -0.40
C ASP B 143 -10.11 -9.29 0.25
N MET B 144 -9.89 -9.37 1.55
CA MET B 144 -9.84 -10.68 2.21
C MET B 144 -11.27 -11.06 2.61
N LEU B 145 -11.82 -12.01 1.87
CA LEU B 145 -13.23 -12.40 2.06
C LEU B 145 -13.45 -13.38 3.27
N PRO B 146 -14.68 -13.49 3.73
CA PRO B 146 -15.09 -14.42 4.80
C PRO B 146 -14.51 -15.84 4.65
N GLU B 147 -14.60 -16.41 3.47
CA GLU B 147 -14.04 -17.74 3.26
C GLU B 147 -12.57 -17.87 3.64
N THR B 148 -11.78 -16.85 3.33
CA THR B 148 -10.37 -16.86 3.64
C THR B 148 -10.18 -16.64 5.11
N ILE B 149 -10.85 -15.62 5.69
CA ILE B 149 -10.75 -15.35 7.14
C ILE B 149 -11.13 -16.59 7.97
N ALA B 150 -12.07 -17.39 7.45
CA ALA B 150 -12.61 -18.59 8.12
C ALA B 150 -11.54 -19.61 8.39
N GLN B 151 -10.49 -19.58 7.59
CA GLN B 151 -9.44 -20.58 7.70
C GLN B 151 -8.37 -20.23 8.69
N LEU B 152 -8.58 -19.16 9.43
CA LEU B 152 -7.60 -18.65 10.35
C LEU B 152 -8.20 -18.65 11.75
N VAL B 153 -9.49 -18.92 11.82
CA VAL B 153 -10.24 -18.94 13.08
C VAL B 153 -9.65 -19.97 14.07
N GLU B 154 -9.25 -21.13 13.55
CA GLU B 154 -8.68 -22.21 14.35
C GLU B 154 -7.34 -21.83 14.99
N VAL B 155 -6.61 -20.88 14.38
CA VAL B 155 -5.38 -20.37 15.02
C VAL B 155 -5.75 -19.81 16.41
N PRO B 156 -5.09 -20.34 17.46
CA PRO B 156 -5.73 -20.10 18.78
C PRO B 156 -5.75 -18.63 19.19
N ASN B 157 -4.74 -17.86 18.77
CA ASN B 157 -4.62 -16.44 19.17
C ASN B 157 -5.01 -15.42 18.07
N ILE B 158 -5.74 -15.86 17.04
CA ILE B 158 -6.32 -14.95 16.08
C ILE B 158 -7.77 -14.94 16.55
N ILE B 159 -8.15 -13.86 17.21
CA ILE B 159 -9.42 -13.74 17.88
C ILE B 159 -10.56 -13.02 17.15
N GLY B 160 -10.26 -12.31 16.07
CA GLY B 160 -11.30 -11.71 15.26
C GLY B 160 -10.76 -10.87 14.10
N VAL B 161 -11.64 -10.04 13.53
CA VAL B 161 -11.39 -9.32 12.32
C VAL B 161 -12.15 -7.99 12.39
N ASP B 163 -13.41 -5.53 9.70
CA ASP B 163 -13.76 -5.31 8.28
C ASP B 163 -14.27 -3.88 8.02
N ALA B 164 -13.58 -3.20 7.12
CA ALA B 164 -13.91 -1.83 6.77
C ALA B 164 -14.57 -1.73 5.41
N THR B 165 -15.00 -2.84 4.81
CA THR B 165 -15.71 -2.71 3.53
C THR B 165 -17.07 -1.96 3.51
N GLY B 166 -17.70 -1.74 4.65
CA GLY B 166 -19.09 -1.25 4.66
C GLY B 166 -20.09 -2.21 4.00
N ASP B 167 -19.75 -3.49 3.87
CA ASP B 167 -20.63 -4.49 3.27
C ASP B 167 -21.10 -5.32 4.43
N VAL B 168 -22.26 -4.93 4.87
CA VAL B 168 -22.88 -5.32 6.13
C VAL B 168 -23.46 -6.75 6.01
N ALA B 169 -23.68 -7.23 4.80
CA ALA B 169 -24.04 -8.63 4.59
C ALA B 169 -22.95 -9.59 5.08
N ARG B 170 -21.72 -9.08 5.26
CA ARG B 170 -20.61 -9.93 5.67
C ARG B 170 -20.69 -10.32 7.17
N VAL B 171 -21.49 -9.59 7.94
CA VAL B 171 -21.67 -9.98 9.31
C VAL B 171 -22.26 -11.39 9.40
N LYS B 172 -23.34 -11.62 8.66
CA LYS B 172 -23.96 -12.92 8.59
C LYS B 172 -23.00 -13.95 8.04
N GLN B 173 -22.29 -13.61 6.97
CA GLN B 173 -21.43 -14.63 6.34
C GLN B 173 -20.27 -14.98 7.26
N LEU B 174 -19.74 -14.00 8.01
CA LEU B 174 -18.66 -14.27 8.93
C LEU B 174 -19.15 -15.08 10.11
N ARG B 175 -20.32 -14.73 10.69
CA ARG B 175 -20.94 -15.56 11.78
C ARG B 175 -21.09 -17.01 11.34
N ASP B 176 -21.70 -17.24 10.20
CA ASP B 176 -21.86 -18.62 9.79
C ASP B 176 -20.59 -19.36 9.56
N LEU B 177 -19.52 -18.72 9.06
CA LEU B 177 -18.30 -19.50 8.79
C LEU B 177 -17.35 -19.50 9.95
N CYS B 178 -17.49 -18.55 10.89
CA CYS B 178 -16.49 -18.45 11.98
C CYS B 178 -16.95 -18.85 13.35
N GLY B 179 -18.28 -18.89 13.55
CA GLY B 179 -18.82 -19.14 14.86
C GLY B 179 -19.04 -17.89 15.65
N ASN B 180 -19.62 -18.05 16.84
CA ASN B 180 -20.08 -16.95 17.66
C ASN B 180 -18.96 -16.39 18.52
N ASP B 181 -17.87 -17.14 18.61
CA ASP B 181 -16.80 -16.72 19.50
C ASP B 181 -15.78 -15.79 18.80
N PHE B 182 -15.71 -15.82 17.47
CA PHE B 182 -14.86 -14.90 16.70
C PHE B 182 -15.33 -13.45 16.80
N LEU B 183 -14.47 -12.52 17.19
CA LEU B 183 -14.95 -11.13 17.30
C LEU B 183 -15.05 -10.38 15.97
N LEU B 184 -16.15 -9.68 15.73
CA LEU B 184 -16.33 -9.02 14.44
C LEU B 184 -16.45 -7.51 14.70
N TYR B 185 -15.53 -6.72 14.14
CA TYR B 185 -15.56 -5.30 14.37
C TYR B 185 -15.77 -4.63 13.07
N SER B 186 -16.62 -3.64 13.07
CA SER B 186 -16.80 -2.82 11.90
C SER B 186 -15.66 -1.81 11.82
N GLY B 187 -15.10 -1.63 10.64
CA GLY B 187 -14.10 -0.58 10.39
C GLY B 187 -14.71 0.62 9.64
N ASP B 188 -16.03 0.73 9.63
CA ASP B 188 -16.69 1.66 8.70
C ASP B 188 -17.78 2.43 9.45
N ASP B 189 -17.47 3.63 9.91
CA ASP B 189 -18.40 4.36 10.76
C ASP B 189 -19.78 4.50 10.16
N ALA B 190 -19.85 4.77 8.85
CA ALA B 190 -21.17 5.01 8.21
C ALA B 190 -22.09 3.77 8.30
N THR B 191 -21.54 2.57 8.50
CA THR B 191 -22.40 1.38 8.58
C THR B 191 -22.26 0.64 9.91
N ALA B 192 -21.61 1.30 10.86
CA ALA B 192 -21.26 0.68 12.09
C ALA B 192 -22.50 0.36 12.92
N ARG B 193 -23.45 1.28 13.06
CA ARG B 193 -24.63 0.91 13.86
C ARG B 193 -25.33 -0.33 13.28
N GLU B 194 -25.51 -0.31 11.99
CA GLU B 194 -26.14 -1.43 11.33
C GLU B 194 -25.37 -2.75 11.55
N PHE B 195 -24.04 -2.65 11.59
CA PHE B 195 -23.12 -3.80 11.65
C PHE B 195 -23.28 -4.47 13.01
N LEU B 196 -23.39 -3.66 14.04
CA LEU B 196 -23.75 -4.09 15.39
C LEU B 196 -25.14 -4.76 15.48
N THR B 197 -26.17 -4.08 15.00
CA THR B 197 -27.54 -4.59 14.98
C THR B 197 -27.57 -5.97 14.31
N LEU B 198 -26.80 -6.17 13.24
CA LEU B 198 -26.87 -7.43 12.55
C LEU B 198 -26.05 -8.55 13.22
N GLY B 199 -25.38 -8.23 14.34
CA GLY B 199 -24.61 -9.24 15.03
C GLY B 199 -23.12 -8.98 15.34
N GLY B 200 -22.59 -7.79 14.95
CA GLY B 200 -21.17 -7.58 15.14
C GLY B 200 -20.91 -7.39 16.62
N ASP B 201 -19.65 -7.43 17.06
CA ASP B 201 -19.27 -7.23 18.48
C ASP B 201 -18.81 -5.81 18.84
N GLY B 202 -18.28 -5.06 17.88
CA GLY B 202 -17.74 -3.71 18.19
C GLY B 202 -17.41 -2.91 16.94
N VAL B 203 -16.89 -1.72 17.15
CA VAL B 203 -16.51 -0.84 16.06
C VAL B 203 -15.15 -0.29 16.41
N ILE B 204 -14.23 -0.41 15.45
CA ILE B 204 -12.96 0.28 15.57
C ILE B 204 -13.05 1.47 14.60
N SER B 205 -13.06 2.66 15.18
CA SER B 205 -13.69 3.79 14.53
C SER B 205 -12.80 5.05 14.47
N VAL B 206 -13.14 5.93 13.53
CA VAL B 206 -12.48 7.21 13.39
C VAL B 206 -13.23 8.25 14.17
N ALA B 207 -14.55 8.34 13.94
CA ALA B 207 -15.43 9.33 14.60
C ALA B 207 -15.33 9.39 16.11
N ASN B 208 -15.18 8.25 16.76
CA ASN B 208 -15.07 8.31 18.21
C ASN B 208 -13.76 8.94 18.70
N ASN B 209 -12.87 9.37 17.82
CA ASN B 209 -11.77 10.22 18.27
C ASN B 209 -12.30 11.55 18.83
N ILE B 210 -13.40 12.05 18.23
CA ILE B 210 -13.91 13.41 18.54
C ILE B 210 -15.34 13.47 19.12
N VAL B 211 -16.09 12.37 19.02
CA VAL B 211 -17.36 12.26 19.72
C VAL B 211 -17.41 10.92 20.47
N PRO B 212 -16.49 10.71 21.41
CA PRO B 212 -16.47 9.38 22.09
C PRO B 212 -17.72 9.06 22.92
N LYS B 213 -18.28 10.02 23.63
CA LYS B 213 -19.46 9.73 24.47
C LYS B 213 -20.66 9.30 23.68
N LEU B 214 -21.00 10.07 22.65
CA LEU B 214 -22.12 9.67 21.81
C LEU B 214 -21.88 8.40 21.03
N PHE B 215 -20.64 8.18 20.57
CA PHE B 215 -20.39 6.98 19.79
C PHE B 215 -20.51 5.72 20.68
N LYS B 216 -20.08 5.84 21.94
CA LYS B 216 -20.25 4.74 22.89
C LYS B 216 -21.74 4.44 23.14
N LEU B 217 -22.51 5.50 23.41
CA LEU B 217 -23.96 5.36 23.60
C LEU B 217 -24.54 4.61 22.42
N MET B 218 -24.14 5.00 21.22
CA MET B 218 -24.70 4.38 20.05
C MET B 218 -24.33 2.91 20.02
N CYS B 219 -23.10 2.59 20.41
CA CYS B 219 -22.63 1.22 20.37
C CYS B 219 -23.29 0.38 21.45
N ASP B 220 -23.31 0.93 22.67
CA ASP B 220 -24.05 0.25 23.75
C ASP B 220 -25.50 0.00 23.41
N ALA B 221 -26.19 1.02 22.88
CA ALA B 221 -27.60 0.78 22.55
C ALA B 221 -27.76 -0.30 21.49
N ALA B 222 -26.90 -0.32 20.48
CA ALA B 222 -27.04 -1.27 19.38
C ALA B 222 -26.81 -2.70 19.86
N LEU B 223 -25.75 -2.90 20.65
CA LEU B 223 -25.44 -4.19 21.23
C LEU B 223 -26.53 -4.72 22.19
N ALA B 224 -27.16 -3.81 22.92
CA ALA B 224 -28.19 -4.20 23.89
C ALA B 224 -29.55 -4.47 23.21
N GLY B 225 -29.65 -4.20 21.90
CA GLY B 225 -30.90 -4.45 21.17
C GLY B 225 -31.88 -3.26 21.16
N ASP B 226 -31.48 -2.15 21.80
CA ASP B 226 -32.32 -0.94 21.89
C ASP B 226 -32.09 -0.06 20.65
N THR B 227 -32.72 -0.43 19.53
CA THR B 227 -32.36 0.20 18.26
C THR B 227 -32.81 1.68 18.19
N GLN B 228 -33.89 2.01 18.89
CA GLN B 228 -34.33 3.38 18.92
C GLN B 228 -33.26 4.28 19.56
N ALA B 229 -32.78 3.89 20.74
CA ALA B 229 -31.70 4.65 21.37
C ALA B 229 -30.40 4.69 20.50
N ALA B 230 -30.13 3.60 19.78
CA ALA B 230 -28.93 3.52 18.91
C ALA B 230 -29.06 4.53 17.76
N MET B 231 -30.21 4.47 17.11
CA MET B 231 -30.55 5.38 16.04
C MET B 231 -30.61 6.84 16.50
N ALA B 232 -31.12 7.12 17.69
CA ALA B 232 -31.15 8.52 18.20
C ALA B 232 -29.73 9.04 18.41
N ALA B 233 -28.84 8.19 18.93
CA ALA B 233 -27.45 8.60 19.12
C ALA B 233 -26.74 8.73 17.78
N GLU B 234 -26.96 7.78 16.86
CA GLU B 234 -26.37 7.94 15.56
C GLU B 234 -26.77 9.27 14.85
N ASP B 235 -28.06 9.64 14.96
CA ASP B 235 -28.63 10.77 14.23
C ASP B 235 -27.83 12.00 14.49
N GLN B 236 -27.30 12.10 15.69
CA GLN B 236 -26.72 13.34 16.11
C GLN B 236 -25.31 13.48 15.50
N ILE B 237 -24.68 12.36 15.15
CA ILE B 237 -23.28 12.41 14.77
C ILE B 237 -23.06 11.98 13.35
N LYS B 238 -24.14 11.53 12.71
CA LYS B 238 -24.11 10.91 11.38
C LYS B 238 -23.35 11.75 10.37
N GLY B 239 -23.44 13.08 10.50
CA GLY B 239 -22.78 13.99 9.55
C GLY B 239 -21.26 13.76 9.53
N LEU B 240 -20.68 13.40 10.67
CA LEU B 240 -19.27 13.16 10.74
C LEU B 240 -18.85 11.93 9.85
N PHE B 241 -19.78 11.00 9.56
CA PHE B 241 -19.42 9.74 8.89
C PHE B 241 -19.04 9.91 7.44
N SER B 242 -19.47 11.02 6.87
CA SER B 242 -18.98 11.39 5.55
C SER B 242 -18.01 12.58 5.66
N ALA B 243 -18.29 13.54 6.54
CA ALA B 243 -17.43 14.72 6.61
C ALA B 243 -15.97 14.39 6.99
N LEU B 244 -15.76 13.35 7.77
CA LEU B 244 -14.38 12.97 8.15
C LEU B 244 -13.61 12.21 7.05
N PHE B 245 -14.21 12.03 5.87
CA PHE B 245 -13.54 11.41 4.76
C PHE B 245 -13.53 12.38 3.55
N CYS B 246 -13.54 13.70 3.78
CA CYS B 246 -13.54 14.61 2.61
C CYS B 246 -12.19 14.64 1.94
N GLU B 247 -11.14 14.40 2.74
CA GLU B 247 -9.81 13.91 2.25
C GLU B 247 -9.53 12.63 3.05
N ALA B 248 -8.52 11.85 2.64
CA ALA B 248 -8.21 10.56 3.27
C ALA B 248 -7.99 10.71 4.76
N ASN B 249 -8.64 9.82 5.51
CA ASN B 249 -8.39 9.72 6.93
C ASN B 249 -6.94 9.31 7.12
N PRO B 250 -6.30 9.87 8.16
CA PRO B 250 -6.83 10.79 9.21
C PRO B 250 -6.69 12.33 8.94
N ILE B 251 -6.62 12.77 7.68
CA ILE B 251 -6.53 14.25 7.40
C ILE B 251 -7.61 15.07 8.11
N PRO B 252 -8.90 14.73 7.90
CA PRO B 252 -9.94 15.55 8.56
C PRO B 252 -10.06 15.40 10.07
N VAL B 253 -10.03 14.17 10.56
CA VAL B 253 -10.19 13.98 11.97
C VAL B 253 -9.04 14.65 12.77
N LYS B 254 -7.86 14.66 12.20
CA LYS B 254 -6.76 15.27 12.89
C LYS B 254 -6.98 16.81 12.95
N TRP B 255 -7.43 17.42 11.85
CA TRP B 255 -7.84 18.81 11.84
C TRP B 255 -8.93 19.06 12.87
N ALA B 256 -9.97 18.24 12.88
CA ALA B 256 -11.07 18.42 13.86
C ALA B 256 -10.54 18.41 15.28
N ALA B 257 -9.73 17.42 15.62
CA ALA B 257 -9.21 17.32 16.99
C ALA B 257 -8.37 18.54 17.41
N HIS B 258 -7.57 19.06 16.49
CA HIS B 258 -6.83 20.26 16.76
C HIS B 258 -7.78 21.44 17.00
N LYS B 259 -8.75 21.60 16.10
CA LYS B 259 -9.70 22.67 16.14
C LYS B 259 -10.48 22.69 17.44
N MET B 260 -10.83 21.51 17.96
CA MET B 260 -11.40 21.31 19.29
C MET B 260 -10.46 21.57 20.45
N GLY B 261 -9.17 21.69 20.19
CA GLY B 261 -8.21 21.73 21.29
C GLY B 261 -7.91 20.40 22.00
N LEU B 262 -8.25 19.25 21.40
CA LEU B 262 -7.77 18.00 22.02
C LEU B 262 -6.25 17.85 21.89
N ILE B 263 -5.62 18.40 20.87
CA ILE B 263 -4.20 18.22 20.65
C ILE B 263 -3.57 19.58 20.35
N SER B 264 -2.29 19.76 20.74
CA SER B 264 -1.68 21.08 20.61
C SER B 264 -1.54 21.58 19.20
N GLN B 265 -1.19 20.68 18.25
CA GLN B 265 -0.84 21.08 16.87
C GLN B 265 -1.54 20.20 15.83
N GLY B 266 -1.75 20.69 14.64
CA GLY B 266 -2.43 19.89 13.65
C GLY B 266 -1.50 19.20 12.65
N ASP B 267 -0.19 19.16 12.93
CA ASP B 267 0.82 18.58 12.04
C ASP B 267 0.62 17.13 11.74
N ILE B 268 1.02 16.76 10.53
CA ILE B 268 0.74 15.47 9.94
C ILE B 268 1.91 15.25 8.99
N ARG B 269 2.32 14.02 8.81
CA ARG B 269 3.56 13.77 8.07
C ARG B 269 3.35 13.50 6.61
N LEU B 270 4.28 14.02 5.84
CA LEU B 270 4.27 13.83 4.40
C LEU B 270 4.30 12.33 4.08
N PRO B 271 3.58 11.93 3.02
CA PRO B 271 2.85 12.71 2.02
C PRO B 271 1.47 13.20 2.46
N LEU B 272 1.01 12.85 3.64
CA LEU B 272 -0.25 13.41 4.08
C LEU B 272 -0.04 14.95 4.31
N THR B 273 -1.11 15.71 4.11
CA THR B 273 -1.12 17.20 4.23
C THR B 273 -2.30 17.65 5.06
N GLU B 274 -2.18 18.78 5.73
CA GLU B 274 -3.28 19.32 6.53
C GLU B 274 -4.50 19.60 5.73
N LEU B 275 -5.65 19.41 6.35
CA LEU B 275 -6.90 19.63 5.67
C LEU B 275 -6.94 20.92 4.84
N SER B 276 -7.32 20.77 3.60
CA SER B 276 -7.50 21.87 2.66
C SER B 276 -8.52 22.88 3.10
N THR B 277 -8.21 24.17 2.88
CA THR B 277 -9.06 25.27 3.35
C THR B 277 -10.47 25.11 2.82
N GLU B 278 -10.61 24.62 1.61
CA GLU B 278 -11.95 24.39 1.03
C GLU B 278 -12.91 23.48 1.80
N PHE B 279 -12.41 22.72 2.77
CA PHE B 279 -13.28 21.75 3.49
C PHE B 279 -13.48 22.21 4.91
N HIS B 280 -12.76 23.27 5.30
CA HIS B 280 -12.85 23.80 6.67
C HIS B 280 -14.31 24.06 7.11
N GLY B 281 -15.08 24.75 6.27
CA GLY B 281 -16.43 25.18 6.64
C GLY B 281 -17.32 23.97 6.69
N LEU B 282 -17.14 23.10 5.72
CA LEU B 282 -17.90 21.86 5.74
C LEU B 282 -17.71 21.06 7.03
N LEU B 283 -16.46 20.81 7.40
CA LEU B 283 -16.26 20.00 8.62
C LEU B 283 -16.61 20.76 9.93
N LEU B 284 -16.28 22.05 10.00
CA LEU B 284 -16.69 22.83 11.17
C LEU B 284 -18.22 22.74 11.38
N ASP B 285 -18.99 22.84 10.30
N ASP B 285 -18.98 22.83 10.29
CA ASP B 285 -20.46 22.65 10.40
CA ASP B 285 -20.43 22.66 10.37
C ASP B 285 -20.81 21.24 10.90
C ASP B 285 -20.86 21.26 10.82
N ALA B 286 -20.16 20.23 10.35
CA ALA B 286 -20.51 18.85 10.72
C ALA B 286 -20.17 18.64 12.18
N MET B 287 -19.09 19.27 12.61
CA MET B 287 -18.77 19.31 14.01
C MET B 287 -19.81 20.00 14.90
N LYS B 288 -20.28 21.19 14.52
CA LYS B 288 -21.29 21.89 15.35
C LYS B 288 -22.56 21.08 15.46
N ASN B 289 -22.96 20.48 14.35
CA ASN B 289 -24.14 19.65 14.29
C ASN B 289 -24.02 18.37 15.06
N ALA B 290 -22.82 17.99 15.42
CA ALA B 290 -22.64 16.87 16.34
C ALA B 290 -22.45 17.34 17.79
N ARG B 291 -22.64 18.64 18.00
CA ARG B 291 -22.59 19.24 19.33
C ARG B 291 -21.17 19.33 19.90
N ILE B 292 -20.18 19.54 19.04
CA ILE B 292 -18.83 19.72 19.51
C ILE B 292 -18.67 21.25 19.73
N GLU B 293 -18.16 21.64 20.89
CA GLU B 293 -17.96 23.07 21.19
C GLU B 293 -16.71 23.51 20.48
N VAL B 294 -16.79 24.36 19.47
CA VAL B 294 -15.51 24.80 18.88
C VAL B 294 -14.68 25.70 19.84
N LYS B 295 -13.46 25.24 20.20
CA LYS B 295 -12.52 25.99 21.06
C LYS B 295 -11.70 27.02 20.25
#